data_9MP2
#
_entry.id   9MP2
#
_cell.length_a   32.217
_cell.length_b   53.564
_cell.length_c   75.216
_cell.angle_alpha   90.00
_cell.angle_beta   90.00
_cell.angle_gamma   90.00
#
_symmetry.space_group_name_H-M   'P 21 21 21'
#
loop_
_entity.id
_entity.type
_entity.pdbx_description
1 polymer 'Fatty acid-binding protein, adipocyte'
2 non-polymer 'hentriacontafluorohexadecanoic acid'
3 water water
#
_entity_poly.entity_id   1
_entity_poly.type   'polypeptide(L)'
_entity_poly.pdbx_seq_one_letter_code
;GHMCDAFVGTWKLVSSENFDDYMKEVGVGFATRKVAGMAKPNMIISVNGDVITIKSESTFKNTEISFILGQEFDEVTADD
RKVKSTITLDGGVLVHVQKWDGKSTTIKRKREDDKLVVECVMKGVTSTRVYERA
;
_entity_poly.pdbx_strand_id   A
#
loop_
_chem_comp.id
_chem_comp.type
_chem_comp.name
_chem_comp.formula
A1BM9 non-polymer 'hentriacontafluorohexadecanoic acid' 'C16 H F31 O2'
#
# COMPACT_ATOMS: atom_id res chain seq x y z
N CYS A 4 8.66 -14.05 1.05
CA CYS A 4 7.63 -13.23 1.66
C CYS A 4 6.60 -14.07 2.41
N ASP A 5 7.02 -15.24 2.92
CA ASP A 5 6.09 -16.15 3.58
C ASP A 5 5.27 -15.46 4.66
N ALA A 6 5.92 -14.63 5.50
CA ALA A 6 5.22 -14.01 6.60
C ALA A 6 4.15 -13.02 6.16
N PHE A 7 4.15 -12.61 4.88
CA PHE A 7 3.17 -11.64 4.39
C PHE A 7 1.98 -12.31 3.73
N VAL A 8 2.11 -13.56 3.28
CA VAL A 8 1.08 -14.17 2.47
C VAL A 8 -0.16 -14.42 3.33
N GLY A 9 -1.34 -14.16 2.75
CA GLY A 9 -2.59 -14.41 3.42
C GLY A 9 -3.61 -13.35 3.08
N THR A 10 -4.70 -13.35 3.84
CA THR A 10 -5.77 -12.39 3.65
C THR A 10 -5.84 -11.53 4.90
N TRP A 11 -5.77 -10.22 4.71
CA TRP A 11 -5.65 -9.27 5.79
C TRP A 11 -6.82 -8.29 5.71
N LYS A 12 -7.26 -7.78 6.86
CA LYS A 12 -8.36 -6.82 6.93
C LYS A 12 -7.91 -5.58 7.70
N LEU A 13 -8.21 -4.40 7.16
CA LEU A 13 -7.83 -3.17 7.85
C LEU A 13 -8.61 -3.02 9.15
N VAL A 14 -7.90 -2.76 10.26
CA VAL A 14 -8.55 -2.54 11.53
C VAL A 14 -8.32 -1.15 12.11
N SER A 15 -7.30 -0.41 11.67
CA SER A 15 -7.09 0.93 12.21
C SER A 15 -6.28 1.75 11.22
N SER A 16 -6.53 3.05 11.22
CA SER A 16 -5.87 3.98 10.32
C SER A 16 -5.63 5.26 11.09
N GLU A 17 -4.43 5.80 11.00
CA GLU A 17 -4.10 7.07 11.62
C GLU A 17 -3.46 7.98 10.59
N ASN A 18 -3.94 9.23 10.53
CA ASN A 18 -3.33 10.28 9.73
C ASN A 18 -3.44 10.03 8.23
N PHE A 19 -4.36 9.17 7.80
CA PHE A 19 -4.45 8.85 6.38
C PHE A 19 -4.95 10.04 5.55
N ASP A 20 -5.87 10.84 6.10
CA ASP A 20 -6.31 12.02 5.36
C ASP A 20 -5.15 12.97 5.09
N ASP A 21 -4.33 13.23 6.10
CA ASP A 21 -3.17 14.11 5.95
C ASP A 21 -2.17 13.53 4.94
N TYR A 22 -1.94 12.22 4.98
CA TYR A 22 -1.07 11.60 3.98
C TYR A 22 -1.63 11.82 2.58
N MET A 23 -2.93 11.61 2.42
CA MET A 23 -3.54 11.72 1.10
C MET A 23 -3.47 13.18 0.61
N LYS A 24 -3.64 14.14 1.52
CA LYS A 24 -3.48 15.54 1.17
C LYS A 24 -2.07 15.80 0.63
N GLU A 25 -1.07 15.28 1.32
CA GLU A 25 0.31 15.50 0.91
C GLU A 25 0.56 14.89 -0.45
N VAL A 26 -0.07 13.74 -0.74
CA VAL A 26 0.08 13.09 -2.03
C VAL A 26 -0.59 13.93 -3.13
N GLY A 27 -1.63 14.68 -2.78
CA GLY A 27 -2.36 15.49 -3.76
C GLY A 27 -3.74 14.99 -4.08
N VAL A 28 -4.28 14.06 -3.29
CA VAL A 28 -5.61 13.52 -3.52
C VAL A 28 -6.66 14.59 -3.24
N GLY A 29 -7.66 14.70 -4.13
CA GLY A 29 -8.71 15.69 -3.97
C GLY A 29 -9.73 15.34 -2.90
N PHE A 30 -10.56 16.33 -2.57
CA PHE A 30 -11.46 16.22 -1.42
C PHE A 30 -12.35 14.99 -1.51
N ALA A 31 -13.10 14.84 -2.61
CA ALA A 31 -14.12 13.79 -2.64
C ALA A 31 -13.48 12.40 -2.59
N THR A 32 -12.35 12.23 -3.28
CA THR A 32 -11.65 10.95 -3.24
C THR A 32 -11.12 10.68 -1.84
N ARG A 33 -10.56 11.70 -1.17
CA ARG A 33 -10.07 11.52 0.20
C ARG A 33 -11.19 11.05 1.13
N LYS A 34 -12.36 11.67 1.04
CA LYS A 34 -13.44 11.32 1.95
C LYS A 34 -13.89 9.88 1.73
N VAL A 35 -14.07 9.48 0.47
CA VAL A 35 -14.57 8.14 0.22
C VAL A 35 -13.47 7.09 0.44
N ALA A 36 -12.23 7.39 0.04
CA ALA A 36 -11.15 6.44 0.25
C ALA A 36 -10.86 6.25 1.75
N GLY A 37 -10.97 7.32 2.54
CA GLY A 37 -10.71 7.20 3.96
C GLY A 37 -11.70 6.35 4.72
N MET A 38 -12.93 6.21 4.20
CA MET A 38 -13.94 5.37 4.82
C MET A 38 -13.64 3.89 4.63
N ALA A 39 -12.89 3.53 3.59
CA ALA A 39 -12.79 2.14 3.18
C ALA A 39 -12.06 1.29 4.22
N LYS A 40 -12.49 0.05 4.37
CA LYS A 40 -11.85 -0.93 5.23
C LYS A 40 -11.42 -2.10 4.34
N PRO A 41 -10.33 -1.96 3.59
CA PRO A 41 -10.01 -2.95 2.57
C PRO A 41 -9.59 -4.30 3.13
N ASN A 42 -9.77 -5.32 2.30
CA ASN A 42 -9.14 -6.62 2.48
C ASN A 42 -7.95 -6.68 1.53
N MET A 43 -6.77 -6.91 2.09
CA MET A 43 -5.54 -7.01 1.30
C MET A 43 -5.15 -8.48 1.23
N ILE A 44 -5.01 -8.99 0.02
CA ILE A 44 -4.69 -10.40 -0.22
C ILE A 44 -3.31 -10.46 -0.85
N ILE A 45 -2.37 -11.10 -0.16
CA ILE A 45 -0.98 -11.22 -0.62
C ILE A 45 -0.69 -12.68 -0.93
N SER A 46 -0.17 -12.93 -2.12
CA SER A 46 0.19 -14.27 -2.54
C SER A 46 1.52 -14.25 -3.28
N VAL A 47 2.18 -15.40 -3.32
CA VAL A 47 3.46 -15.55 -3.99
C VAL A 47 3.41 -16.78 -4.86
N ASN A 48 3.91 -16.67 -6.09
CA ASN A 48 4.02 -17.80 -7.00
C ASN A 48 5.39 -17.66 -7.67
N GLY A 49 6.34 -18.49 -7.26
CA GLY A 49 7.69 -18.35 -7.78
C GLY A 49 8.27 -17.02 -7.35
N ASP A 50 8.77 -16.25 -8.31
CA ASP A 50 9.32 -14.93 -8.02
C ASP A 50 8.26 -13.84 -8.01
N VAL A 51 7.01 -14.16 -8.37
CA VAL A 51 5.99 -13.14 -8.58
C VAL A 51 5.15 -12.99 -7.32
N ILE A 52 5.12 -11.76 -6.79
CA ILE A 52 4.29 -11.41 -5.64
C ILE A 52 3.08 -10.67 -6.16
N THR A 53 1.90 -11.02 -5.64
CA THR A 53 0.66 -10.32 -5.98
C THR A 53 0.06 -9.74 -4.71
N ILE A 54 -0.28 -8.45 -4.77
CA ILE A 54 -0.99 -7.75 -3.70
C ILE A 54 -2.30 -7.24 -4.28
N LYS A 55 -3.41 -7.79 -3.83
CA LYS A 55 -4.73 -7.28 -4.17
C LYS A 55 -5.32 -6.54 -2.99
N SER A 56 -6.04 -5.48 -3.30
CA SER A 56 -6.80 -4.75 -2.31
C SER A 56 -8.25 -4.72 -2.78
N GLU A 57 -9.15 -5.30 -2.00
CA GLU A 57 -10.57 -5.29 -2.29
C GLU A 57 -11.25 -4.35 -1.31
N SER A 58 -11.94 -3.33 -1.83
CA SER A 58 -12.68 -2.45 -0.94
C SER A 58 -13.87 -1.86 -1.67
N THR A 59 -14.73 -1.24 -0.88
CA THR A 59 -15.89 -0.55 -1.42
C THR A 59 -15.49 0.69 -2.21
N PHE A 60 -14.28 1.21 -1.99
CA PHE A 60 -13.82 2.36 -2.76
C PHE A 60 -13.30 1.95 -4.13
N LYS A 61 -12.19 1.21 -4.18
CA LYS A 61 -11.69 0.76 -5.47
C LYS A 61 -10.80 -0.46 -5.29
N ASN A 62 -11.11 -1.52 -6.04
CA ASN A 62 -10.26 -2.70 -6.07
C ASN A 62 -9.00 -2.42 -6.87
N THR A 63 -7.87 -2.90 -6.36
CA THR A 63 -6.60 -2.82 -7.06
C THR A 63 -5.90 -4.16 -6.99
N GLU A 64 -4.99 -4.40 -7.94
CA GLU A 64 -4.15 -5.58 -7.92
C GLU A 64 -2.84 -5.24 -8.62
N ILE A 65 -1.73 -5.55 -7.95
CA ILE A 65 -0.41 -5.41 -8.53
C ILE A 65 0.31 -6.75 -8.44
N SER A 66 1.03 -7.12 -9.49
CA SER A 66 1.95 -8.25 -9.47
C SER A 66 3.33 -7.75 -9.89
N PHE A 67 4.36 -8.28 -9.25
CA PHE A 67 5.70 -7.72 -9.42
C PHE A 67 6.75 -8.71 -8.96
N ILE A 68 7.98 -8.45 -9.41
CA ILE A 68 9.17 -9.14 -8.95
C ILE A 68 10.00 -8.12 -8.19
N LEU A 69 10.54 -8.52 -7.05
CA LEU A 69 11.32 -7.60 -6.22
C LEU A 69 12.45 -6.98 -7.02
N GLY A 70 12.59 -5.66 -6.90
CA GLY A 70 13.66 -4.94 -7.55
C GLY A 70 13.39 -4.55 -8.98
N GLN A 71 12.23 -4.89 -9.54
CA GLN A 71 11.94 -4.71 -10.96
C GLN A 71 10.77 -3.73 -11.12
N GLU A 72 11.07 -2.56 -11.68
CA GLU A 72 10.10 -1.49 -11.81
C GLU A 72 8.90 -1.90 -12.66
N PHE A 73 7.72 -1.40 -12.27
CA PHE A 73 6.50 -1.67 -13.00
C PHE A 73 5.62 -0.42 -13.01
N ASP A 74 4.64 -0.42 -13.92
CA ASP A 74 3.61 0.60 -13.95
C ASP A 74 2.46 0.25 -13.02
N GLU A 75 1.97 1.27 -12.29
CA GLU A 75 0.87 1.08 -11.35
C GLU A 75 -0.08 2.26 -11.51
N VAL A 76 -1.37 1.98 -11.61
CA VAL A 76 -2.40 3.00 -11.49
C VAL A 76 -2.97 2.85 -10.08
N THR A 77 -2.75 3.86 -9.23
CA THR A 77 -3.12 3.75 -7.85
C THR A 77 -4.63 3.91 -7.67
N ALA A 78 -5.10 3.58 -6.46
CA ALA A 78 -6.53 3.67 -6.18
C ALA A 78 -7.06 5.08 -6.39
N ASP A 79 -6.23 6.10 -6.15
CA ASP A 79 -6.62 7.49 -6.39
C ASP A 79 -6.34 7.95 -7.81
N ASP A 80 -5.98 7.04 -8.71
CA ASP A 80 -5.81 7.29 -10.16
C ASP A 80 -4.52 8.03 -10.52
N ARG A 81 -3.49 7.94 -9.69
CA ARG A 81 -2.17 8.37 -10.13
C ARG A 81 -1.56 7.28 -11.00
N LYS A 82 -0.89 7.69 -12.06
CA LYS A 82 -0.08 6.79 -12.88
C LYS A 82 1.36 6.90 -12.43
N VAL A 83 1.86 5.86 -11.77
CA VAL A 83 3.15 5.93 -11.11
C VAL A 83 4.05 4.81 -11.61
N LYS A 84 5.35 5.01 -11.42
CA LYS A 84 6.36 3.98 -11.65
C LYS A 84 6.78 3.47 -10.28
N SER A 85 6.63 2.16 -10.05
CA SER A 85 6.78 1.58 -8.74
C SER A 85 7.91 0.55 -8.73
N THR A 86 8.66 0.53 -7.64
CA THR A 86 9.65 -0.51 -7.40
C THR A 86 9.48 -0.99 -5.97
N ILE A 87 9.41 -2.32 -5.79
CA ILE A 87 9.22 -2.91 -4.47
C ILE A 87 10.40 -3.81 -4.20
N THR A 88 11.00 -3.64 -3.02
CA THR A 88 12.14 -4.43 -2.59
C THR A 88 11.91 -4.89 -1.17
N LEU A 89 12.76 -5.80 -0.71
CA LEU A 89 12.75 -6.24 0.66
C LEU A 89 13.98 -5.63 1.32
N ASP A 90 13.78 -4.94 2.44
CA ASP A 90 14.88 -4.30 3.16
C ASP A 90 14.77 -4.84 4.59
N GLY A 91 15.67 -5.74 4.94
CA GLY A 91 15.63 -6.31 6.28
C GLY A 91 14.27 -6.90 6.66
N GLY A 92 13.64 -7.60 5.73
CA GLY A 92 12.36 -8.21 6.00
C GLY A 92 11.15 -7.30 5.88
N VAL A 93 11.34 -6.04 5.51
CA VAL A 93 10.26 -5.09 5.30
C VAL A 93 10.08 -4.91 3.80
N LEU A 94 8.82 -5.00 3.33
CA LEU A 94 8.55 -4.69 1.93
C LEU A 94 8.52 -3.19 1.76
N VAL A 95 9.38 -2.66 0.89
CA VAL A 95 9.49 -1.21 0.67
C VAL A 95 9.03 -0.92 -0.75
N HIS A 96 7.98 -0.11 -0.89
CA HIS A 96 7.29 0.13 -2.15
C HIS A 96 7.42 1.63 -2.45
N VAL A 97 8.24 1.99 -3.44
CA VAL A 97 8.44 3.38 -3.81
C VAL A 97 7.65 3.68 -5.08
N GLN A 98 6.86 4.75 -5.06
CA GLN A 98 6.08 5.21 -6.21
C GLN A 98 6.60 6.57 -6.66
N LYS A 99 6.89 6.69 -7.96
CA LYS A 99 7.39 7.92 -8.57
C LYS A 99 6.40 8.42 -9.62
N TRP A 100 6.07 9.71 -9.55
CA TRP A 100 5.22 10.32 -10.56
C TRP A 100 5.40 11.82 -10.50
N ASP A 101 5.45 12.44 -11.67
CA ASP A 101 5.44 13.91 -11.77
C ASP A 101 6.52 14.54 -10.90
N GLY A 102 7.69 13.90 -10.85
CA GLY A 102 8.78 14.38 -10.01
C GLY A 102 8.57 14.22 -8.52
N LYS A 103 7.51 13.55 -8.09
CA LYS A 103 7.20 13.32 -6.68
C LYS A 103 7.50 11.87 -6.34
N SER A 104 7.53 11.58 -5.05
CA SER A 104 7.82 10.22 -4.59
C SER A 104 7.11 9.99 -3.26
N THR A 105 6.61 8.77 -3.07
CA THR A 105 6.05 8.34 -1.79
C THR A 105 6.50 6.90 -1.56
N THR A 106 6.64 6.54 -0.30
CA THR A 106 7.12 5.21 0.09
C THR A 106 6.12 4.56 1.03
N ILE A 107 5.74 3.33 0.70
CA ILE A 107 4.82 2.53 1.50
C ILE A 107 5.61 1.34 2.02
N LYS A 108 5.72 1.23 3.33
CA LYS A 108 6.41 0.10 3.94
C LYS A 108 5.41 -0.85 4.57
N ARG A 109 5.59 -2.14 4.35
CA ARG A 109 4.73 -3.17 4.89
C ARG A 109 5.58 -4.11 5.74
N LYS A 110 5.18 -4.30 7.00
CA LYS A 110 5.99 -5.14 7.88
C LYS A 110 5.11 -5.96 8.81
N ARG A 111 5.64 -7.11 9.22
CA ARG A 111 4.96 -7.95 10.17
C ARG A 111 5.41 -7.58 11.58
N GLU A 112 4.43 -7.32 12.46
CA GLU A 112 4.69 -7.03 13.86
C GLU A 112 3.66 -7.84 14.63
N ASP A 113 4.13 -8.81 15.42
CA ASP A 113 3.23 -9.71 16.15
C ASP A 113 2.32 -10.36 15.11
N ASP A 114 1.01 -10.42 15.30
CA ASP A 114 0.12 -11.03 14.33
C ASP A 114 -0.44 -10.01 13.34
N LYS A 115 0.06 -8.78 13.35
CA LYS A 115 -0.43 -7.72 12.47
C LYS A 115 0.50 -7.49 11.28
N LEU A 116 -0.08 -6.89 10.26
CA LEU A 116 0.68 -6.35 9.14
C LEU A 116 0.51 -4.83 9.22
N VAL A 117 1.60 -4.13 9.48
CA VAL A 117 1.59 -2.68 9.67
C VAL A 117 2.06 -2.02 8.39
N VAL A 118 1.26 -1.10 7.87
CA VAL A 118 1.53 -0.39 6.62
C VAL A 118 1.80 1.06 6.96
N GLU A 119 3.01 1.54 6.66
CA GLU A 119 3.38 2.92 6.92
C GLU A 119 3.55 3.63 5.58
N CYS A 120 2.75 4.66 5.35
CA CYS A 120 2.77 5.43 4.10
C CYS A 120 3.40 6.79 4.41
N VAL A 121 4.44 7.15 3.68
CA VAL A 121 5.24 8.34 3.95
C VAL A 121 5.30 9.21 2.71
N MET A 122 4.91 10.47 2.87
CA MET A 122 5.01 11.53 1.86
C MET A 122 5.70 12.70 2.54
N LYS A 123 6.95 12.97 2.16
CA LYS A 123 7.76 13.97 2.84
C LYS A 123 7.72 13.74 4.34
N GLY A 124 7.26 14.71 5.10
CA GLY A 124 7.23 14.58 6.54
C GLY A 124 5.97 13.98 7.13
N VAL A 125 5.04 13.54 6.29
CA VAL A 125 3.72 13.08 6.73
C VAL A 125 3.70 11.56 6.63
N THR A 126 3.38 10.91 7.75
CA THR A 126 3.23 9.46 7.81
C THR A 126 1.81 9.08 8.17
N SER A 127 1.29 8.06 7.52
CA SER A 127 0.05 7.42 7.95
C SER A 127 0.34 5.97 8.28
N THR A 128 -0.19 5.50 9.40
CA THR A 128 0.00 4.12 9.83
C THR A 128 -1.33 3.41 9.75
N ARG A 129 -1.36 2.30 9.00
CA ARG A 129 -2.56 1.51 8.79
C ARG A 129 -2.26 0.09 9.24
N VAL A 130 -3.10 -0.45 10.12
CA VAL A 130 -2.85 -1.73 10.76
C VAL A 130 -3.87 -2.73 10.25
N TYR A 131 -3.37 -3.86 9.74
CA TYR A 131 -4.18 -4.97 9.27
C TYR A 131 -4.02 -6.17 10.18
N GLU A 132 -5.10 -6.94 10.32
CA GLU A 132 -5.06 -8.21 11.04
C GLU A 132 -5.53 -9.31 10.09
N ARG A 133 -5.24 -10.57 10.44
CA ARG A 133 -5.67 -11.66 9.56
C ARG A 133 -7.19 -11.71 9.48
N ALA A 134 -7.70 -11.96 8.27
CA ALA A 134 -9.13 -12.05 8.05
C ALA A 134 -9.68 -13.32 8.67
C4 A1BM9 B . -2.05 2.94 0.38
C7 A1BM9 B . -3.10 4.81 -2.61
C6 A1BM9 B . -1.99 4.22 -1.74
C9 A1BM9 B . -5.05 6.37 -2.49
C16 A1BM9 B . -6.31 0.20 -0.08
C14 A1BM9 B . -8.50 1.54 -0.46
C2 A1BM9 B . -2.77 1.74 2.42
C1 A1BM9 B . -3.33 0.41 2.90
C12 A1BM9 B . -7.10 3.54 -1.27
C3 A1BM9 B . -2.32 1.57 0.98
C5 A1BM9 B . -2.44 2.92 -1.09
C10 A1BM9 B . -6.36 5.94 -1.79
C11 A1BM9 B . -6.40 4.79 -0.75
C13 A1BM9 B . -7.84 2.89 -0.11
C15 A1BM9 B . -7.57 0.40 -0.93
C8 A1BM9 B . -3.67 6.03 -1.90
F1 A1BM9 B . -3.75 2.68 2.48
F10 A1BM9 B . -0.88 3.97 -2.50
F11 A1BM9 B . -4.08 3.89 -2.84
F12 A1BM9 B . -2.56 5.19 -3.80
F13 A1BM9 B . -2.85 7.10 -2.16
F14 A1BM9 B . -3.71 5.84 -0.55
F15 A1BM9 B . -5.09 5.86 -3.76
F16 A1BM9 B . -5.10 7.72 -2.56
F17 A1BM9 B . -6.83 7.05 -1.16
F18 A1BM9 B . -7.22 5.63 -2.79
F19 A1BM9 B . -7.19 5.24 0.27
F2 A1BM9 B . -1.71 2.11 3.20
F20 A1BM9 B . -5.19 4.40 -0.26
F21 A1BM9 B . -8.02 3.90 -2.20
F22 A1BM9 B . -6.15 2.72 -1.82
F23 A1BM9 B . -8.86 3.73 0.25
F24 A1BM9 B . -7.01 2.78 0.97
F25 A1BM9 B . -9.40 1.76 -1.46
F26 A1BM9 B . -9.19 1.13 0.63
F27 A1BM9 B . -8.30 -0.75 -0.91
F28 A1BM9 B . -7.20 0.63 -2.22
F29 A1BM9 B . -6.05 -1.13 0.03
F3 A1BM9 B . -3.30 0.95 0.27
F30 A1BM9 B . -6.45 0.71 1.18
F31 A1BM9 B . -5.26 0.81 -0.70
F4 A1BM9 B . -1.18 0.82 0.94
F5 A1BM9 B . -2.79 3.89 1.03
F6 A1BM9 B . -0.73 3.25 0.51
F7 A1BM9 B . -3.80 2.77 -1.18
F8 A1BM9 B . -1.83 1.87 -1.72
F9 A1BM9 B . -1.67 5.11 -0.76
O1 A1BM9 B . -3.98 0.34 3.99
O2 A1BM9 B . -3.16 -0.63 2.20
#